data_6VRI
#
_entry.id   6VRI
#
_cell.length_a   68.416
_cell.length_b   68.416
_cell.length_c   217.748
_cell.angle_alpha   90.000
_cell.angle_beta   90.000
_cell.angle_gamma   120.000
#
_symmetry.space_group_name_H-M   'P 32 2 1'
#
loop_
_entity.id
_entity.type
_entity.pdbx_description
1 polymer 'Outer membrane lipoprotein Blc'
2 polymer 'Outer membrane lipoprotein Blc'
3 non-polymer 'SULFATE ION'
4 non-polymer 'PROTOPORPHYRIN IX CONTAINING FE'
5 water water
#
loop_
_entity_poly.entity_id
_entity_poly.type
_entity_poly.pdbx_seq_one_letter_code
_entity_poly.pdbx_strand_id
1 'polypeptide(L)'
;MGHHHHHHLESTSLYKKSSSTPPRGVTVVNNFDAKRYLGTWYEIARFDHRFERGLEKVTATYSLRDDGGLNVINKGYNPD
RGMWQQSEGKAYFTGAPTRAALKVSFF
;
A,C,E
2 'polypeptide(L)' MGPFYGGYNVIALDREYRHALVCGPDRDYLWILSRTPTISDEVKQEMLAVATREGFDVSKFIWVQQPGS B,D,F
#
# COMPACT_ATOMS: atom_id res chain seq x y z
N THR A 21 6.12 -6.70 9.00
CA THR A 21 6.58 -5.77 7.93
C THR A 21 7.56 -6.52 7.03
N PRO A 22 7.57 -6.24 5.70
CA PRO A 22 8.71 -6.64 4.88
C PRO A 22 10.00 -6.04 5.43
N PRO A 23 11.19 -6.68 5.26
CA PRO A 23 12.43 -6.04 5.65
C PRO A 23 12.52 -4.63 5.02
N ARG A 24 13.15 -3.69 5.72
CA ARG A 24 13.31 -2.30 5.20
C ARG A 24 14.03 -2.39 3.85
N GLY A 25 13.55 -1.68 2.82
CA GLY A 25 14.31 -1.55 1.57
C GLY A 25 14.00 -2.58 0.51
N VAL A 26 13.26 -3.66 0.77
CA VAL A 26 13.15 -4.74 -0.26
C VAL A 26 11.97 -4.43 -1.18
N THR A 27 11.96 -5.04 -2.36
CA THR A 27 10.82 -4.89 -3.29
C THR A 27 9.75 -5.88 -2.82
N VAL A 28 8.47 -5.57 -3.06
CA VAL A 28 7.34 -6.52 -2.84
C VAL A 28 6.46 -6.41 -4.08
N VAL A 29 6.16 -7.51 -4.76
CA VAL A 29 5.31 -7.53 -6.00
C VAL A 29 4.02 -6.78 -5.65
N ASN A 30 3.62 -5.80 -6.49
CA ASN A 30 2.51 -4.85 -6.16
C ASN A 30 1.34 -4.97 -7.17
N ASN A 31 1.39 -5.94 -8.08
CA ASN A 31 0.24 -6.31 -8.97
C ASN A 31 -0.06 -7.80 -8.78
N PHE A 32 0.09 -8.31 -7.55
CA PHE A 32 -0.01 -9.74 -7.23
C PHE A 32 -1.40 -10.24 -7.62
N ASP A 33 -1.45 -11.38 -8.29
CA ASP A 33 -2.66 -12.14 -8.68
C ASP A 33 -2.62 -13.49 -7.95
N ALA A 34 -3.17 -13.58 -6.74
CA ALA A 34 -3.05 -14.78 -5.89
C ALA A 34 -3.54 -16.05 -6.64
N LYS A 35 -4.59 -15.93 -7.46
CA LYS A 35 -5.17 -17.06 -8.22
C LYS A 35 -4.10 -17.72 -9.11
N ARG A 36 -3.25 -16.96 -9.78
CA ARG A 36 -2.18 -17.44 -10.69
C ARG A 36 -0.99 -18.03 -9.90
N TYR A 37 -0.85 -17.71 -8.62
CA TYR A 37 0.23 -18.22 -7.71
C TYR A 37 -0.14 -19.59 -7.11
N LEU A 38 -1.40 -20.01 -7.23
CA LEU A 38 -1.90 -21.22 -6.54
C LEU A 38 -1.25 -22.44 -7.17
N GLY A 39 -1.25 -23.57 -6.46
CA GLY A 39 -0.68 -24.85 -6.95
C GLY A 39 0.69 -25.11 -6.36
N THR A 40 1.52 -25.89 -7.05
CA THR A 40 2.76 -26.47 -6.50
C THR A 40 3.98 -25.69 -7.02
N TRP A 41 4.91 -25.42 -6.12
CA TRP A 41 6.23 -24.82 -6.41
C TRP A 41 7.29 -25.73 -5.80
N TYR A 42 8.41 -25.90 -6.49
CA TYR A 42 9.65 -26.61 -6.04
C TYR A 42 10.57 -25.59 -5.36
N GLU A 43 11.08 -25.91 -4.17
CA GLU A 43 12.15 -25.14 -3.48
C GLU A 43 13.50 -25.48 -4.15
N ILE A 44 14.07 -24.50 -4.85
CA ILE A 44 15.36 -24.64 -5.59
C ILE A 44 16.51 -24.32 -4.63
N ALA A 45 16.32 -23.34 -3.76
CA ALA A 45 17.37 -22.92 -2.82
C ALA A 45 16.74 -22.27 -1.60
N ARG A 46 17.45 -22.30 -0.47
CA ARG A 46 16.98 -21.69 0.81
C ARG A 46 18.20 -21.22 1.59
N PHE A 47 18.04 -20.21 2.44
CA PHE A 47 18.95 -20.00 3.59
C PHE A 47 18.55 -21.01 4.66
N ASP A 48 19.51 -21.69 5.29
CA ASP A 48 19.19 -22.86 6.16
C ASP A 48 18.79 -22.39 7.57
N HIS A 49 17.68 -22.93 8.04
CA HIS A 49 17.16 -22.78 9.42
C HIS A 49 16.79 -24.18 9.92
N ARG A 50 16.71 -24.36 11.25
CA ARG A 50 16.47 -25.70 11.85
C ARG A 50 15.11 -26.23 11.40
N PHE A 51 14.14 -25.41 11.06
CA PHE A 51 12.80 -25.94 10.72
C PHE A 51 12.82 -26.74 9.40
N GLU A 52 13.77 -26.51 8.49
CA GLU A 52 13.87 -27.15 7.14
C GLU A 52 15.16 -27.93 6.92
N ARG A 53 16.20 -27.65 7.70
CA ARG A 53 17.54 -28.30 7.62
C ARG A 53 17.41 -29.82 7.37
N GLY A 54 18.13 -30.34 6.37
CA GLY A 54 18.18 -31.78 6.02
C GLY A 54 17.08 -32.24 5.06
N LEU A 55 15.99 -31.48 4.84
CA LEU A 55 14.86 -31.89 3.95
C LEU A 55 15.27 -31.67 2.48
N GLU A 56 14.96 -32.63 1.62
CA GLU A 56 15.24 -32.62 0.17
C GLU A 56 13.90 -32.68 -0.55
N LYS A 57 13.90 -32.43 -1.86
CA LYS A 57 12.70 -32.62 -2.72
C LYS A 57 11.54 -31.81 -2.14
N VAL A 58 11.81 -30.63 -1.56
CA VAL A 58 10.81 -29.76 -0.86
C VAL A 58 9.89 -29.10 -1.90
N THR A 59 8.57 -29.16 -1.67
CA THR A 59 7.55 -28.44 -2.45
C THR A 59 6.71 -27.61 -1.45
N ALA A 60 6.16 -26.51 -1.97
CA ALA A 60 5.12 -25.69 -1.33
C ALA A 60 3.88 -25.74 -2.22
N THR A 61 2.69 -26.03 -1.67
CA THR A 61 1.40 -26.02 -2.42
C THR A 61 0.44 -25.03 -1.76
N TYR A 62 -0.12 -24.13 -2.56
CA TYR A 62 -0.96 -23.01 -2.09
C TYR A 62 -2.39 -23.22 -2.61
N SER A 63 -3.39 -22.99 -1.78
CA SER A 63 -4.79 -22.98 -2.25
C SER A 63 -5.52 -21.82 -1.60
N LEU A 64 -6.64 -21.42 -2.20
CA LEU A 64 -7.33 -20.19 -1.79
C LEU A 64 -8.39 -20.58 -0.76
N ARG A 65 -8.45 -19.85 0.35
CA ARG A 65 -9.49 -20.00 1.40
C ARG A 65 -10.72 -19.17 1.04
N ASP A 66 -11.90 -19.62 1.51
CA ASP A 66 -13.17 -18.84 1.46
C ASP A 66 -13.00 -17.48 2.15
N ASP A 67 -12.22 -17.39 3.25
CA ASP A 67 -12.10 -16.14 4.05
C ASP A 67 -11.08 -15.18 3.42
N GLY A 68 -10.51 -15.50 2.24
CA GLY A 68 -9.57 -14.64 1.49
C GLY A 68 -8.09 -14.86 1.86
N GLY A 69 -7.76 -15.79 2.74
CA GLY A 69 -6.34 -16.15 2.96
C GLY A 69 -5.87 -17.23 2.00
N LEU A 70 -4.68 -17.79 2.25
CA LEU A 70 -4.16 -18.99 1.57
C LEU A 70 -3.96 -20.12 2.59
N ASN A 71 -4.32 -21.34 2.18
CA ASN A 71 -3.80 -22.59 2.81
C ASN A 71 -2.45 -22.92 2.18
N VAL A 72 -1.49 -23.28 3.02
CA VAL A 72 -0.10 -23.68 2.67
C VAL A 72 0.16 -25.14 3.10
N ILE A 73 0.75 -25.96 2.23
CA ILE A 73 1.30 -27.27 2.63
C ILE A 73 2.75 -27.31 2.17
N ASN A 74 3.69 -27.43 3.10
CA ASN A 74 5.13 -27.63 2.82
C ASN A 74 5.47 -29.12 2.97
N LYS A 75 5.95 -29.77 1.90
CA LYS A 75 6.30 -31.21 1.89
C LYS A 75 7.79 -31.34 1.66
N GLY A 76 8.47 -32.27 2.35
CA GLY A 76 9.85 -32.66 1.99
C GLY A 76 10.16 -34.11 2.33
N TYR A 77 11.19 -34.67 1.71
CA TYR A 77 11.72 -35.99 2.02
C TYR A 77 12.80 -35.81 3.09
N ASN A 78 12.67 -36.58 4.18
CA ASN A 78 13.62 -36.53 5.30
C ASN A 78 14.44 -37.81 5.25
N PRO A 79 15.66 -37.78 4.69
CA PRO A 79 16.40 -39.02 4.48
C PRO A 79 16.88 -39.69 5.79
N ASP A 80 16.83 -38.98 6.93
CA ASP A 80 17.11 -39.55 8.29
C ASP A 80 15.95 -40.43 8.74
N ARG A 81 14.71 -39.89 8.71
CA ARG A 81 13.49 -40.65 9.06
C ARG A 81 13.20 -41.65 7.92
N GLY A 82 13.82 -41.47 6.75
CA GLY A 82 13.49 -42.18 5.49
C GLY A 82 12.03 -42.03 5.11
N MET A 83 11.43 -40.87 5.36
CA MET A 83 9.96 -40.61 5.28
C MET A 83 9.71 -39.26 4.60
N TRP A 84 8.58 -39.16 3.92
CA TRP A 84 7.93 -37.87 3.54
C TRP A 84 7.25 -37.26 4.77
N GLN A 85 7.47 -35.98 5.02
CA GLN A 85 6.72 -35.21 6.04
C GLN A 85 6.17 -33.92 5.44
N GLN A 86 5.11 -33.40 6.01
CA GLN A 86 4.61 -32.06 5.67
C GLN A 86 4.19 -31.31 6.92
N SER A 87 4.18 -29.99 6.79
CA SER A 87 3.59 -29.05 7.77
C SER A 87 2.57 -28.17 7.02
N GLU A 88 1.46 -27.86 7.67
CA GLU A 88 0.32 -27.08 7.12
C GLU A 88 0.28 -25.76 7.87
N GLY A 89 -0.16 -24.73 7.15
CA GLY A 89 -0.23 -23.33 7.61
C GLY A 89 -1.41 -22.62 6.98
N LYS A 90 -1.70 -21.44 7.52
CA LYS A 90 -2.76 -20.49 7.13
C LYS A 90 -2.01 -19.18 6.89
N ALA A 91 -2.14 -18.54 5.72
CA ALA A 91 -1.53 -17.23 5.39
C ALA A 91 -2.60 -16.15 5.14
N TYR A 92 -2.40 -14.96 5.70
CA TYR A 92 -3.26 -13.78 5.44
C TYR A 92 -2.38 -12.65 4.91
N PHE A 93 -2.88 -11.91 3.92
CA PHE A 93 -2.28 -10.64 3.45
C PHE A 93 -2.26 -9.65 4.63
N THR A 94 -1.20 -8.86 4.81
CA THR A 94 -1.12 -7.77 5.81
C THR A 94 -1.68 -6.46 5.21
N GLY A 95 -2.08 -6.44 3.94
CA GLY A 95 -2.71 -5.29 3.26
C GLY A 95 -3.51 -5.72 2.03
N ALA A 96 -3.46 -4.94 0.96
CA ALA A 96 -4.09 -5.27 -0.34
C ALA A 96 -3.62 -6.64 -0.85
N PRO A 97 -4.52 -7.55 -1.33
CA PRO A 97 -4.11 -8.82 -1.96
C PRO A 97 -3.32 -8.71 -3.28
N THR A 98 -3.22 -7.51 -3.86
CA THR A 98 -2.31 -7.16 -4.98
C THR A 98 -0.89 -6.83 -4.47
N ARG A 99 -0.69 -6.67 -3.15
CA ARG A 99 0.65 -6.57 -2.48
C ARG A 99 1.05 -7.94 -1.90
N ALA A 100 2.08 -8.57 -2.43
CA ALA A 100 2.46 -9.95 -2.04
C ALA A 100 3.23 -9.97 -0.71
N ALA A 101 2.64 -9.39 0.34
CA ALA A 101 3.13 -9.39 1.74
C ALA A 101 2.09 -10.12 2.61
N LEU A 102 2.50 -11.20 3.25
CA LEU A 102 1.60 -12.11 4.02
C LEU A 102 2.23 -12.46 5.37
N LYS A 103 1.42 -12.91 6.30
CA LYS A 103 1.92 -13.55 7.55
C LYS A 103 1.39 -14.99 7.57
N VAL A 104 2.26 -15.97 7.83
CA VAL A 104 1.91 -17.43 7.79
C VAL A 104 1.98 -17.97 9.22
N SER A 105 0.94 -18.66 9.67
CA SER A 105 0.90 -19.37 10.98
C SER A 105 0.77 -20.89 10.78
N PHE A 106 1.71 -21.68 11.30
CA PHE A 106 1.75 -23.16 11.10
C PHE A 106 1.07 -23.85 12.28
N PHE A 107 0.43 -25.00 12.07
CA PHE A 107 -0.37 -25.71 13.12
C PHE A 107 -0.27 -27.23 12.92
N PHE B 4 4.83 -21.43 15.57
CA PHE B 4 5.71 -21.08 14.40
C PHE B 4 4.92 -20.24 13.40
N TYR B 5 5.35 -18.99 13.21
CA TYR B 5 4.64 -17.97 12.38
C TYR B 5 5.64 -16.87 11.99
N GLY B 6 5.38 -16.15 10.90
CA GLY B 6 6.31 -15.13 10.37
C GLY B 6 5.91 -14.60 9.01
N GLY B 7 6.56 -13.52 8.57
CA GLY B 7 6.29 -12.87 7.29
C GLY B 7 6.74 -13.70 6.12
N TYR B 8 6.06 -13.55 4.99
CA TYR B 8 6.30 -14.24 3.71
C TYR B 8 6.06 -13.19 2.65
N ASN B 9 7.10 -12.83 1.90
CA ASN B 9 7.07 -11.68 0.93
C ASN B 9 7.59 -12.14 -0.43
N VAL B 10 6.76 -12.07 -1.46
CA VAL B 10 7.25 -12.27 -2.85
C VAL B 10 7.95 -10.98 -3.33
N ILE B 11 9.27 -10.97 -3.31
CA ILE B 11 10.08 -9.77 -3.65
C ILE B 11 10.31 -9.66 -5.17
N ALA B 12 10.25 -10.76 -5.94
CA ALA B 12 10.37 -10.76 -7.43
C ALA B 12 9.67 -11.98 -8.05
N LEU B 13 9.02 -11.79 -9.20
CA LEU B 13 8.18 -12.83 -9.83
C LEU B 13 8.15 -12.50 -11.33
N ASP B 14 8.38 -13.47 -12.19
CA ASP B 14 8.35 -13.19 -13.66
C ASP B 14 6.88 -13.10 -14.13
N ARG B 15 6.69 -12.54 -15.33
CA ARG B 15 5.38 -12.28 -15.95
C ARG B 15 4.46 -13.53 -15.93
N GLU B 16 5.01 -14.72 -16.16
CA GLU B 16 4.24 -15.99 -16.35
C GLU B 16 4.08 -16.80 -15.03
N TYR B 17 4.42 -16.23 -13.87
CA TYR B 17 4.25 -16.93 -12.55
C TYR B 17 4.89 -18.31 -12.66
N ARG B 18 6.15 -18.34 -13.07
CA ARG B 18 6.91 -19.60 -13.19
C ARG B 18 8.11 -19.58 -12.24
N HIS B 19 8.61 -18.41 -11.81
CA HIS B 19 9.84 -18.25 -10.98
C HIS B 19 9.63 -17.13 -9.96
N ALA B 20 10.01 -17.35 -8.70
CA ALA B 20 9.71 -16.40 -7.62
C ALA B 20 10.89 -16.33 -6.65
N LEU B 21 11.15 -15.14 -6.13
CA LEU B 21 12.12 -14.92 -5.02
C LEU B 21 11.27 -14.46 -3.84
N VAL B 22 11.36 -15.22 -2.73
CA VAL B 22 10.49 -15.04 -1.55
C VAL B 22 11.42 -14.80 -0.36
N CYS B 23 11.19 -13.75 0.44
CA CYS B 23 11.97 -13.53 1.68
C CYS B 23 11.04 -13.59 2.90
N GLY B 24 11.63 -13.81 4.08
CA GLY B 24 10.87 -13.84 5.33
C GLY B 24 10.95 -12.50 6.03
N PRO B 25 10.91 -12.47 7.37
CA PRO B 25 10.75 -11.19 8.07
C PRO B 25 12.07 -10.38 8.09
N ASP B 26 13.19 -10.95 7.66
CA ASP B 26 14.47 -10.21 7.58
C ASP B 26 15.40 -10.91 6.60
N ARG B 27 16.60 -10.34 6.37
CA ARG B 27 17.50 -10.79 5.28
C ARG B 27 18.16 -12.16 5.61
N ASP B 28 17.88 -12.78 6.75
CA ASP B 28 18.39 -14.15 7.06
C ASP B 28 17.44 -15.23 6.51
N TYR B 29 16.33 -14.84 5.85
CA TYR B 29 15.32 -15.77 5.27
C TYR B 29 15.09 -15.46 3.78
N LEU B 30 15.48 -16.38 2.89
CA LEU B 30 15.32 -16.22 1.42
C LEU B 30 15.16 -17.58 0.76
N TRP B 31 14.30 -17.64 -0.25
CA TRP B 31 13.94 -18.85 -1.01
C TRP B 31 13.87 -18.55 -2.50
N ILE B 32 14.35 -19.46 -3.35
CA ILE B 32 14.10 -19.46 -4.82
C ILE B 32 13.07 -20.54 -5.11
N LEU B 33 11.89 -20.15 -5.64
CA LEU B 33 10.84 -21.13 -5.99
C LEU B 33 10.68 -21.21 -7.50
N SER B 34 10.34 -22.41 -8.02
CA SER B 34 10.13 -22.66 -9.47
C SER B 34 8.94 -23.60 -9.70
N ARG B 35 8.27 -23.50 -10.86
CA ARG B 35 7.18 -24.43 -11.25
C ARG B 35 7.78 -25.76 -11.71
N THR B 36 9.06 -25.80 -12.03
CA THR B 36 9.82 -27.01 -12.43
C THR B 36 10.90 -27.31 -11.39
N PRO B 37 11.29 -28.59 -11.20
CA PRO B 37 12.26 -28.97 -10.18
C PRO B 37 13.69 -28.48 -10.45
N THR B 38 14.04 -28.22 -11.72
CA THR B 38 15.36 -27.58 -12.06
C THR B 38 15.11 -26.25 -12.78
N ILE B 39 16.06 -25.33 -12.68
CA ILE B 39 16.03 -24.04 -13.43
C ILE B 39 17.29 -23.92 -14.30
N SER B 40 17.36 -22.89 -15.15
CA SER B 40 18.46 -22.61 -16.11
C SER B 40 19.55 -21.81 -15.41
N ASP B 41 20.80 -21.97 -15.85
CA ASP B 41 21.94 -21.09 -15.47
C ASP B 41 21.51 -19.62 -15.57
N GLU B 42 20.72 -19.21 -16.58
CA GLU B 42 20.38 -17.76 -16.80
C GLU B 42 19.47 -17.25 -15.67
N VAL B 43 18.36 -17.94 -15.44
CA VAL B 43 17.39 -17.72 -14.31
C VAL B 43 18.18 -17.71 -12.97
N LYS B 44 19.02 -18.73 -12.74
CA LYS B 44 19.90 -18.78 -11.55
C LYS B 44 20.57 -17.42 -11.34
N GLN B 45 21.27 -16.87 -12.35
CA GLN B 45 22.11 -15.65 -12.18
C GLN B 45 21.21 -14.44 -11.96
N GLU B 46 20.06 -14.36 -12.64
CA GLU B 46 19.13 -13.19 -12.45
C GLU B 46 18.63 -13.17 -11.01
N MET B 47 18.31 -14.33 -10.45
CA MET B 47 17.77 -14.42 -9.06
C MET B 47 18.87 -13.96 -8.13
N LEU B 48 20.09 -14.47 -8.36
CA LEU B 48 21.24 -14.15 -7.48
C LEU B 48 21.54 -12.64 -7.56
N ALA B 49 21.49 -12.04 -8.75
CA ALA B 49 21.75 -10.59 -8.98
C ALA B 49 20.74 -9.76 -8.21
N VAL B 50 19.46 -10.13 -8.34
CA VAL B 50 18.37 -9.42 -7.60
C VAL B 50 18.60 -9.53 -6.08
N ALA B 51 18.83 -10.73 -5.54
CA ALA B 51 19.02 -10.87 -4.09
C ALA B 51 20.19 -9.98 -3.66
N THR B 52 21.33 -10.07 -4.33
CA THR B 52 22.53 -9.23 -3.95
C THR B 52 22.17 -7.75 -3.99
N ARG B 53 21.47 -7.28 -5.03
CA ARG B 53 21.03 -5.87 -5.21
C ARG B 53 20.25 -5.41 -3.98
N GLU B 54 19.40 -6.27 -3.38
CA GLU B 54 18.50 -5.87 -2.27
C GLU B 54 19.17 -6.11 -0.92
N GLY B 55 20.48 -6.41 -0.91
CA GLY B 55 21.30 -6.52 0.31
C GLY B 55 21.28 -7.90 0.97
N PHE B 56 20.81 -8.96 0.28
CA PHE B 56 20.89 -10.35 0.79
C PHE B 56 22.29 -10.92 0.50
N ASP B 57 22.80 -11.75 1.42
CA ASP B 57 24.13 -12.43 1.31
C ASP B 57 23.97 -13.79 0.63
N VAL B 58 24.15 -13.86 -0.69
CA VAL B 58 23.82 -15.09 -1.47
C VAL B 58 24.74 -16.27 -1.10
N SER B 59 25.85 -16.03 -0.38
CA SER B 59 26.75 -17.09 0.16
C SER B 59 25.98 -18.04 1.11
N LYS B 60 24.90 -17.57 1.73
CA LYS B 60 24.04 -18.38 2.64
C LYS B 60 23.15 -19.40 1.90
N PHE B 61 23.07 -19.45 0.55
CA PHE B 61 22.15 -20.39 -0.15
C PHE B 61 22.63 -21.84 -0.02
N ILE B 62 21.70 -22.76 0.26
CA ILE B 62 21.79 -24.25 0.14
C ILE B 62 21.00 -24.63 -1.12
N TRP B 63 21.59 -25.37 -2.05
CA TRP B 63 20.92 -25.84 -3.30
C TRP B 63 20.25 -27.19 -3.02
N VAL B 64 18.91 -27.19 -2.98
CA VAL B 64 18.07 -28.30 -2.43
C VAL B 64 18.08 -29.42 -3.48
N GLN B 65 18.30 -30.67 -3.06
CA GLN B 65 18.25 -31.85 -3.97
C GLN B 65 16.82 -32.00 -4.52
N GLN B 66 16.68 -32.14 -5.84
CA GLN B 66 15.37 -32.27 -6.53
C GLN B 66 15.54 -33.34 -7.61
N PRO B 67 14.49 -34.12 -7.99
CA PRO B 67 14.64 -35.17 -8.99
C PRO B 67 14.87 -34.64 -10.41
N PRO C 22 7.83 -0.29 -19.27
CA PRO C 22 8.28 0.14 -17.95
C PRO C 22 9.22 -0.92 -17.38
N PRO C 23 10.02 -0.61 -16.35
CA PRO C 23 10.97 -1.57 -15.82
C PRO C 23 10.26 -2.72 -15.09
N ARG C 24 10.90 -3.89 -15.04
CA ARG C 24 10.40 -5.11 -14.32
C ARG C 24 10.09 -4.73 -12.86
N GLY C 25 8.94 -5.20 -12.35
CA GLY C 25 8.49 -5.01 -10.94
C GLY C 25 7.80 -3.67 -10.72
N VAL C 26 7.60 -2.88 -11.78
CA VAL C 26 6.86 -1.59 -11.71
C VAL C 26 5.45 -1.90 -12.20
N THR C 27 4.44 -1.51 -11.42
CA THR C 27 2.99 -1.65 -11.75
C THR C 27 2.49 -0.31 -12.27
N VAL C 28 1.62 -0.32 -13.27
CA VAL C 28 1.00 0.91 -13.83
C VAL C 28 -0.49 0.84 -13.48
N VAL C 29 -1.10 1.98 -13.23
CA VAL C 29 -2.54 2.18 -12.88
C VAL C 29 -3.41 1.72 -14.07
N ASN C 30 -4.53 1.00 -13.79
CA ASN C 30 -5.22 0.16 -14.81
C ASN C 30 -6.67 0.57 -15.09
N ASN C 31 -7.22 1.52 -14.36
CA ASN C 31 -8.63 1.95 -14.57
C ASN C 31 -8.59 3.47 -14.75
N PHE C 32 -7.65 3.91 -15.59
CA PHE C 32 -7.17 5.30 -15.67
C PHE C 32 -8.20 6.14 -16.45
N ASP C 33 -8.54 7.32 -15.93
CA ASP C 33 -9.43 8.30 -16.61
C ASP C 33 -8.65 9.56 -16.93
N ALA C 34 -8.12 9.66 -18.15
CA ALA C 34 -7.22 10.74 -18.55
C ALA C 34 -7.87 12.10 -18.29
N LYS C 35 -9.19 12.25 -18.47
CA LYS C 35 -9.89 13.54 -18.25
C LYS C 35 -9.75 14.04 -16.80
N ARG C 36 -9.78 13.18 -15.79
CA ARG C 36 -9.70 13.66 -14.39
C ARG C 36 -8.22 13.99 -14.07
N TYR C 37 -7.25 13.50 -14.84
CA TYR C 37 -5.79 13.75 -14.65
C TYR C 37 -5.37 15.13 -15.19
N LEU C 38 -6.22 15.80 -15.97
CA LEU C 38 -5.88 17.09 -16.64
C LEU C 38 -5.79 18.23 -15.63
N GLY C 39 -5.15 19.32 -16.07
CA GLY C 39 -4.98 20.55 -15.30
C GLY C 39 -3.60 20.62 -14.64
N THR C 40 -3.50 21.38 -13.56
CA THR C 40 -2.21 21.75 -12.90
C THR C 40 -1.85 20.82 -11.73
N TRP C 41 -0.58 20.47 -11.65
CA TRP C 41 -0.01 19.62 -10.58
C TRP C 41 1.23 20.35 -10.11
N TYR C 42 1.54 20.25 -8.82
CA TYR C 42 2.80 20.76 -8.23
C TYR C 42 3.78 19.59 -8.18
N GLU C 43 5.02 19.83 -8.60
CA GLU C 43 6.10 18.86 -8.41
C GLU C 43 6.55 18.98 -6.96
N ILE C 44 6.30 17.97 -6.16
CA ILE C 44 6.72 17.95 -4.72
C ILE C 44 8.16 17.46 -4.65
N ALA C 45 8.50 16.48 -5.47
CA ALA C 45 9.80 15.78 -5.41
C ALA C 45 10.16 15.18 -6.76
N ARG C 46 11.46 15.11 -7.04
CA ARG C 46 12.03 14.56 -8.26
C ARG C 46 13.35 13.91 -7.91
N PHE C 47 13.70 12.88 -8.66
CA PHE C 47 15.10 12.49 -8.83
C PHE C 47 15.69 13.55 -9.78
N ASP C 48 16.87 14.09 -9.49
CA ASP C 48 17.44 15.24 -10.25
C ASP C 48 18.13 14.73 -11.52
N HIS C 49 17.89 15.42 -12.63
CA HIS C 49 18.52 15.21 -13.95
C HIS C 49 18.83 16.59 -14.56
N ARG C 50 19.60 16.65 -15.65
CA ARG C 50 19.99 17.95 -16.31
C ARG C 50 18.74 18.75 -16.70
N PHE C 51 17.61 18.10 -17.01
CA PHE C 51 16.37 18.74 -17.53
C PHE C 51 15.78 19.69 -16.48
N GLU C 52 15.79 19.39 -15.17
CA GLU C 52 15.11 20.27 -14.16
C GLU C 52 16.04 20.71 -13.03
N ARG C 53 17.29 20.31 -13.03
CA ARG C 53 18.20 20.58 -11.89
C ARG C 53 18.17 22.08 -11.58
N GLY C 54 17.97 22.44 -10.32
CA GLY C 54 18.04 23.86 -9.92
C GLY C 54 16.70 24.58 -9.98
N LEU C 55 15.70 24.06 -10.68
CA LEU C 55 14.42 24.79 -10.87
C LEU C 55 13.57 24.74 -9.57
N GLU C 56 12.93 25.86 -9.24
CA GLU C 56 12.06 26.01 -8.05
C GLU C 56 10.61 26.16 -8.48
N LYS C 57 9.68 25.81 -7.58
CA LYS C 57 8.24 26.12 -7.74
C LYS C 57 7.69 25.51 -9.03
N VAL C 58 8.03 24.24 -9.28
CA VAL C 58 7.79 23.57 -10.59
C VAL C 58 6.34 23.12 -10.60
N THR C 59 5.65 23.38 -11.71
CA THR C 59 4.30 22.82 -11.99
C THR C 59 4.34 22.08 -13.31
N ALA C 60 3.45 21.13 -13.47
CA ALA C 60 3.23 20.45 -14.76
C ALA C 60 1.74 20.57 -15.03
N THR C 61 1.38 21.00 -16.24
CA THR C 61 -0.02 21.23 -16.69
C THR C 61 -0.27 20.32 -17.88
N TYR C 62 -1.33 19.52 -17.76
CA TYR C 62 -1.69 18.52 -18.77
C TYR C 62 -2.98 19.01 -19.44
N SER C 63 -3.11 18.79 -20.75
CA SER C 63 -4.33 19.12 -21.52
C SER C 63 -4.49 18.09 -22.63
N LEU C 64 -5.71 17.87 -23.10
CA LEU C 64 -6.04 16.89 -24.16
C LEU C 64 -5.70 17.49 -25.53
N ARG C 65 -5.10 16.69 -26.40
CA ARG C 65 -4.83 17.01 -27.82
C ARG C 65 -5.93 16.39 -28.70
N ASP C 66 -6.33 17.10 -29.74
CA ASP C 66 -7.25 16.58 -30.81
C ASP C 66 -6.75 15.21 -31.27
N ASP C 67 -5.42 15.04 -31.40
CA ASP C 67 -4.77 13.77 -31.87
C ASP C 67 -4.86 12.69 -30.77
N GLY C 68 -5.44 12.98 -29.59
CA GLY C 68 -5.65 11.99 -28.52
C GLY C 68 -4.41 11.81 -27.63
N GLY C 69 -3.34 12.58 -27.86
CA GLY C 69 -2.20 12.67 -26.93
C GLY C 69 -2.46 13.69 -25.82
N LEU C 70 -1.49 13.88 -24.92
CA LEU C 70 -1.51 14.95 -23.91
C LEU C 70 -0.43 15.98 -24.23
N ASN C 71 -0.76 17.26 -24.07
CA ASN C 71 0.22 18.37 -23.90
C ASN C 71 0.73 18.37 -22.47
N VAL C 72 2.03 18.61 -22.28
CA VAL C 72 2.71 18.57 -20.96
C VAL C 72 3.60 19.80 -20.84
N ILE C 73 3.14 20.83 -20.11
CA ILE C 73 3.88 22.11 -19.89
C ILE C 73 4.55 22.02 -18.51
N ASN C 74 5.87 21.98 -18.46
CA ASN C 74 6.65 21.97 -17.19
C ASN C 74 7.25 23.35 -16.98
N LYS C 75 6.83 24.04 -15.91
CA LYS C 75 7.19 25.46 -15.69
C LYS C 75 7.90 25.58 -14.35
N GLY C 76 8.89 26.45 -14.25
CA GLY C 76 9.62 26.58 -13.00
C GLY C 76 10.47 27.81 -13.02
N TYR C 77 10.98 28.14 -11.85
CA TYR C 77 11.75 29.38 -11.64
C TYR C 77 13.22 28.99 -11.56
N ASN C 78 14.06 29.67 -12.33
CA ASN C 78 15.53 29.45 -12.39
C ASN C 78 16.22 30.61 -11.66
N PRO C 79 16.70 30.41 -10.42
CA PRO C 79 17.40 31.47 -9.70
C PRO C 79 18.72 31.94 -10.35
N ASP C 80 19.41 31.07 -11.09
CA ASP C 80 20.66 31.42 -11.84
C ASP C 80 20.37 32.40 -12.99
N ARG C 81 19.22 32.33 -13.63
CA ARG C 81 18.81 33.22 -14.74
C ARG C 81 17.97 34.39 -14.20
N GLY C 82 17.38 34.24 -13.00
CA GLY C 82 16.42 35.20 -12.46
C GLY C 82 15.14 35.23 -13.25
N MET C 83 14.73 34.10 -13.85
CA MET C 83 13.54 34.09 -14.71
C MET C 83 12.75 32.77 -14.55
N TRP C 84 11.44 32.87 -14.78
CA TRP C 84 10.54 31.73 -15.06
C TRP C 84 10.87 31.18 -16.46
N GLN C 85 10.90 29.86 -16.62
CA GLN C 85 11.09 29.18 -17.92
C GLN C 85 10.14 27.98 -17.95
N GLN C 86 9.73 27.61 -19.14
CA GLN C 86 8.88 26.42 -19.37
C GLN C 86 9.38 25.61 -20.57
N SER C 87 9.09 24.31 -20.56
CA SER C 87 9.46 23.37 -21.65
C SER C 87 8.19 22.61 -22.04
N GLU C 88 7.94 22.45 -23.33
CA GLU C 88 6.68 21.90 -23.90
C GLU C 88 6.94 20.45 -24.34
N GLY C 89 6.16 19.51 -23.82
CA GLY C 89 6.29 18.07 -24.10
C GLY C 89 5.01 17.49 -24.68
N LYS C 90 5.10 16.28 -25.24
CA LYS C 90 3.93 15.56 -25.81
C LYS C 90 4.01 14.12 -25.32
N ALA C 91 2.88 13.59 -24.89
CA ALA C 91 2.73 12.25 -24.33
C ALA C 91 1.62 11.50 -25.06
N TYR C 92 1.89 10.25 -25.45
CA TYR C 92 0.94 9.39 -26.20
C TYR C 92 0.82 8.06 -25.42
N PHE C 93 -0.39 7.52 -25.33
CA PHE C 93 -0.64 6.17 -24.75
C PHE C 93 0.11 5.13 -25.58
N THR C 94 0.78 4.15 -24.95
CA THR C 94 1.45 3.03 -25.66
C THR C 94 0.45 1.88 -25.92
N GLY C 95 -0.62 1.78 -25.13
CA GLY C 95 -1.71 0.77 -25.29
C GLY C 95 -3.06 1.43 -25.09
N ALA C 96 -3.98 0.76 -24.40
CA ALA C 96 -5.31 1.32 -24.04
C ALA C 96 -5.14 2.61 -23.26
N PRO C 97 -6.03 3.62 -23.46
CA PRO C 97 -6.10 4.81 -22.61
C PRO C 97 -6.57 4.60 -21.14
N THR C 98 -7.07 3.41 -20.80
CA THR C 98 -7.44 3.00 -19.42
C THR C 98 -6.19 2.52 -18.65
N ARG C 99 -5.03 2.40 -19.29
CA ARG C 99 -3.78 2.02 -18.58
C ARG C 99 -2.81 3.19 -18.72
N ALA C 100 -2.28 3.70 -17.61
CA ALA C 100 -1.51 4.96 -17.56
C ALA C 100 -0.05 4.72 -17.94
N ALA C 101 0.20 4.00 -19.03
CA ALA C 101 1.54 3.86 -19.65
C ALA C 101 1.56 4.74 -20.91
N LEU C 102 2.47 5.71 -20.92
CA LEU C 102 2.63 6.68 -22.04
C LEU C 102 4.11 6.77 -22.43
N LYS C 103 4.34 7.37 -23.59
CA LYS C 103 5.69 7.78 -24.06
C LYS C 103 5.64 9.30 -24.11
N VAL C 104 6.60 9.99 -23.48
CA VAL C 104 6.62 11.48 -23.48
C VAL C 104 7.94 11.93 -24.13
N SER C 105 7.93 13.08 -24.79
CA SER C 105 9.17 13.70 -25.32
C SER C 105 9.05 15.22 -25.26
N PHE C 106 10.21 15.89 -25.16
CA PHE C 106 10.36 17.37 -25.15
C PHE C 106 11.34 17.81 -26.23
N PHE C 107 11.00 17.51 -27.49
CA PHE C 107 11.77 17.80 -28.73
C PHE C 107 11.33 19.14 -29.34
N GLY D 2 21.10 14.08 -25.62
CA GLY D 2 20.21 15.22 -26.04
C GLY D 2 19.04 15.40 -25.07
N PRO D 3 17.81 15.70 -25.57
CA PRO D 3 16.67 15.97 -24.70
C PRO D 3 16.00 14.74 -24.06
N PHE D 4 15.01 14.99 -23.21
CA PHE D 4 14.29 13.96 -22.44
C PHE D 4 13.29 13.25 -23.36
N TYR D 5 13.33 11.92 -23.37
CA TYR D 5 12.25 11.11 -24.00
C TYR D 5 12.23 9.74 -23.35
N GLY D 6 11.06 9.12 -23.38
CA GLY D 6 10.87 7.71 -23.00
C GLY D 6 9.58 7.51 -22.23
N GLY D 7 9.44 6.38 -21.54
CA GLY D 7 8.23 6.04 -20.76
C GLY D 7 7.88 7.07 -19.70
N TYR D 8 6.57 7.28 -19.49
CA TYR D 8 5.90 8.13 -18.49
C TYR D 8 4.79 7.22 -17.98
N ASN D 9 4.85 6.83 -16.71
CA ASN D 9 3.98 5.79 -16.12
C ASN D 9 3.40 6.30 -14.79
N VAL D 10 2.08 6.42 -14.68
CA VAL D 10 1.46 6.65 -13.35
C VAL D 10 1.41 5.32 -12.59
N ILE D 11 2.19 5.19 -11.52
CA ILE D 11 2.34 3.92 -10.76
C ILE D 11 1.55 3.96 -9.44
N ALA D 12 1.03 5.11 -9.03
CA ALA D 12 0.09 5.20 -7.89
C ALA D 12 -0.69 6.50 -8.01
N LEU D 13 -1.98 6.40 -7.71
CA LEU D 13 -2.94 7.50 -7.88
C LEU D 13 -4.04 7.31 -6.83
N ASP D 14 -4.36 8.33 -6.04
CA ASP D 14 -5.46 8.18 -5.07
C ASP D 14 -6.79 8.34 -5.82
N ARG D 15 -7.86 8.01 -5.11
CA ARG D 15 -9.22 7.85 -5.69
C ARG D 15 -9.71 9.19 -6.23
N GLU D 16 -9.37 10.31 -5.59
CA GLU D 16 -9.82 11.66 -6.04
C GLU D 16 -8.80 12.34 -6.99
N TYR D 17 -7.76 11.64 -7.46
CA TYR D 17 -6.79 12.23 -8.42
C TYR D 17 -6.21 13.50 -7.81
N ARG D 18 -5.86 13.47 -6.51
CA ARG D 18 -5.20 14.59 -5.82
C ARG D 18 -3.68 14.33 -5.61
N HIS D 19 -3.16 13.10 -5.71
CA HIS D 19 -1.73 12.76 -5.47
C HIS D 19 -1.31 11.63 -6.41
N ALA D 20 -0.17 11.77 -7.11
CA ALA D 20 0.28 10.77 -8.09
C ALA D 20 1.78 10.52 -7.96
N LEU D 21 2.17 9.25 -8.09
CA LEU D 21 3.59 8.81 -8.18
C LEU D 21 3.79 8.44 -9.64
N VAL D 22 4.77 9.06 -10.28
CA VAL D 22 5.04 8.90 -11.73
C VAL D 22 6.50 8.53 -11.91
N CYS D 23 6.75 7.48 -12.69
CA CYS D 23 8.11 7.05 -12.99
C CYS D 23 8.37 7.25 -14.48
N GLY D 24 9.65 7.32 -14.83
CA GLY D 24 10.09 7.51 -16.22
C GLY D 24 10.58 6.20 -16.82
N PRO D 25 11.53 6.26 -17.77
CA PRO D 25 11.91 5.06 -18.52
C PRO D 25 12.70 4.00 -17.74
N ASP D 26 13.27 4.35 -16.60
CA ASP D 26 13.94 3.35 -15.71
C ASP D 26 13.84 3.86 -14.27
N ARG D 27 14.48 3.13 -13.35
CA ARG D 27 14.42 3.40 -11.90
C ARG D 27 15.16 4.68 -11.50
N ASP D 28 15.81 5.40 -12.43
CA ASP D 28 16.49 6.68 -12.10
C ASP D 28 15.54 7.87 -12.30
N TYR D 29 14.30 7.67 -12.76
CA TYR D 29 13.31 8.73 -12.99
C TYR D 29 12.05 8.47 -12.17
N LEU D 30 11.74 9.41 -11.28
CA LEU D 30 10.58 9.33 -10.34
C LEU D 30 10.18 10.73 -9.86
N TRP D 31 8.87 11.00 -9.86
CA TRP D 31 8.24 12.25 -9.37
C TRP D 31 7.06 11.97 -8.44
N ILE D 32 6.91 12.87 -7.46
CA ILE D 32 5.68 12.97 -6.63
C ILE D 32 4.97 14.26 -7.07
N LEU D 33 3.73 14.13 -7.56
CA LEU D 33 2.86 15.28 -7.96
C LEU D 33 1.69 15.41 -6.97
N SER D 34 1.24 16.64 -6.70
CA SER D 34 0.07 16.94 -5.84
C SER D 34 -0.72 18.11 -6.44
N ARG D 35 -2.05 18.14 -6.24
CA ARG D 35 -2.88 19.31 -6.64
C ARG D 35 -2.56 20.50 -5.76
N THR D 36 -1.94 20.26 -4.60
CA THR D 36 -1.55 21.29 -3.60
C THR D 36 -0.03 21.42 -3.61
N PRO D 37 0.50 22.62 -3.36
CA PRO D 37 1.96 22.82 -3.26
C PRO D 37 2.69 22.13 -2.08
N THR D 38 1.97 21.74 -1.02
CA THR D 38 2.55 20.94 0.10
C THR D 38 1.66 19.71 0.39
N ILE D 39 2.26 18.70 1.00
CA ILE D 39 1.56 17.41 1.33
C ILE D 39 1.85 17.11 2.80
N SER D 40 0.96 16.33 3.42
CA SER D 40 1.06 15.89 4.84
C SER D 40 2.21 14.91 4.96
N ASP D 41 2.76 14.74 6.16
CA ASP D 41 3.77 13.70 6.43
C ASP D 41 3.19 12.30 6.16
N GLU D 42 1.91 12.06 6.43
CA GLU D 42 1.30 10.72 6.21
C GLU D 42 1.26 10.44 4.70
N VAL D 43 0.88 11.41 3.88
CA VAL D 43 0.82 11.21 2.39
C VAL D 43 2.24 10.92 1.90
N LYS D 44 3.21 11.69 2.38
CA LYS D 44 4.63 11.57 1.97
C LYS D 44 5.15 10.17 2.37
N GLN D 45 4.89 9.69 3.58
CA GLN D 45 5.40 8.35 3.98
C GLN D 45 4.74 7.25 3.13
N GLU D 46 3.45 7.39 2.77
CA GLU D 46 2.76 6.33 1.97
C GLU D 46 3.33 6.29 0.54
N MET D 47 3.66 7.44 -0.04
CA MET D 47 4.25 7.51 -1.40
C MET D 47 5.69 6.98 -1.39
N LEU D 48 6.46 7.30 -0.34
CA LEU D 48 7.85 6.74 -0.21
C LEU D 48 7.79 5.21 -0.05
N ALA D 49 6.82 4.65 0.69
CA ALA D 49 6.67 3.16 0.85
C ALA D 49 6.33 2.52 -0.50
N VAL D 50 5.38 3.03 -1.30
CA VAL D 50 5.11 2.48 -2.66
C VAL D 50 6.39 2.49 -3.53
N ALA D 51 7.10 3.63 -3.58
CA ALA D 51 8.32 3.77 -4.43
C ALA D 51 9.35 2.70 -4.06
N THR D 52 9.61 2.56 -2.77
CA THR D 52 10.54 1.52 -2.24
C THR D 52 10.13 0.09 -2.63
N ARG D 53 8.85 -0.25 -2.52
CA ARG D 53 8.37 -1.63 -2.86
C ARG D 53 8.46 -1.91 -4.38
N GLU D 54 8.48 -0.88 -5.23
CA GLU D 54 8.61 -1.06 -6.71
C GLU D 54 10.07 -0.90 -7.15
N GLY D 55 10.97 -0.73 -6.20
CA GLY D 55 12.43 -0.85 -6.36
C GLY D 55 13.10 0.46 -6.70
N PHE D 56 12.51 1.61 -6.36
CA PHE D 56 13.18 2.94 -6.49
C PHE D 56 13.95 3.28 -5.20
N ASP D 57 15.05 4.00 -5.33
CA ASP D 57 15.93 4.38 -4.18
C ASP D 57 15.52 5.78 -3.73
N VAL D 58 14.64 5.89 -2.72
CA VAL D 58 13.93 7.15 -2.41
C VAL D 58 14.90 8.17 -1.79
N SER D 59 16.10 7.78 -1.35
CA SER D 59 17.12 8.76 -0.88
C SER D 59 17.59 9.66 -2.04
N LYS D 60 17.24 9.31 -3.27
CA LYS D 60 17.57 10.15 -4.45
C LYS D 60 16.60 11.34 -4.55
N PHE D 61 15.53 11.41 -3.76
CA PHE D 61 14.56 12.55 -3.90
C PHE D 61 15.21 13.90 -3.51
N ILE D 62 15.00 14.92 -4.36
CA ILE D 62 15.08 16.37 -4.05
C ILE D 62 13.67 16.87 -3.75
N TRP D 63 13.48 17.48 -2.58
CA TRP D 63 12.19 18.11 -2.15
C TRP D 63 12.18 19.53 -2.72
N VAL D 64 11.38 19.71 -3.78
CA VAL D 64 11.33 20.95 -4.62
C VAL D 64 10.80 22.13 -3.77
N GLN D 65 11.39 23.32 -3.88
CA GLN D 65 10.92 24.53 -3.15
C GLN D 65 9.54 24.89 -3.69
N GLN D 66 8.58 25.07 -2.80
CA GLN D 66 7.15 25.38 -3.09
C GLN D 66 6.70 26.34 -1.99
N PRO D 67 5.69 27.21 -2.22
CA PRO D 67 5.16 28.04 -1.12
C PRO D 67 4.50 27.16 -0.04
N GLY D 68 4.81 27.38 1.24
CA GLY D 68 4.46 26.48 2.35
C GLY D 68 5.68 25.70 2.81
N SER D 69 6.29 24.96 1.87
CA SER D 69 7.45 24.06 2.09
C SER D 69 8.58 24.81 2.78
N PRO E 22 -1.66 -2.98 16.07
CA PRO E 22 -2.53 -2.21 17.02
C PRO E 22 -1.80 -1.83 18.31
N PRO E 23 -2.19 -0.76 19.03
CA PRO E 23 -1.48 -0.31 20.24
C PRO E 23 -1.45 -1.33 21.40
N ARG E 24 -0.54 -1.11 22.38
CA ARG E 24 0.04 -2.10 23.33
C ARG E 24 -1.01 -2.69 24.28
N GLY E 25 -1.70 -1.88 25.09
CA GLY E 25 -2.65 -2.37 26.13
C GLY E 25 -4.11 -2.22 25.71
N VAL E 26 -4.40 -2.40 24.42
CA VAL E 26 -5.77 -2.21 23.84
C VAL E 26 -6.20 -3.55 23.25
N THR E 27 -7.45 -3.94 23.45
CA THR E 27 -8.05 -5.19 22.91
C THR E 27 -8.96 -4.88 21.72
N VAL E 28 -8.87 -5.69 20.67
CA VAL E 28 -9.61 -5.49 19.39
C VAL E 28 -10.72 -6.55 19.31
N VAL E 29 -11.93 -6.18 18.88
CA VAL E 29 -13.07 -7.14 18.64
C VAL E 29 -12.52 -8.34 17.87
N ASN E 30 -12.89 -9.59 18.22
CA ASN E 30 -12.27 -10.81 17.64
C ASN E 30 -13.28 -11.81 17.04
N ASN E 31 -14.55 -11.44 16.91
CA ASN E 31 -15.58 -12.21 16.13
C ASN E 31 -16.17 -11.35 15.00
N PHE E 32 -15.35 -10.58 14.30
CA PHE E 32 -15.79 -9.44 13.46
C PHE E 32 -16.33 -9.96 12.14
N ASP E 33 -17.28 -9.25 11.55
CA ASP E 33 -17.78 -9.56 10.18
C ASP E 33 -17.84 -8.22 9.42
N ALA E 34 -16.92 -7.99 8.47
CA ALA E 34 -16.84 -6.72 7.69
C ALA E 34 -18.21 -6.44 7.07
N LYS E 35 -18.95 -7.49 6.71
CA LYS E 35 -20.24 -7.24 5.98
C LYS E 35 -21.20 -6.48 6.86
N ARG E 36 -21.16 -6.69 8.17
CA ARG E 36 -22.12 -5.99 9.07
C ARG E 36 -21.61 -4.59 9.44
N TYR E 37 -20.38 -4.28 9.08
CA TYR E 37 -19.76 -2.96 9.41
C TYR E 37 -20.02 -1.99 8.24
N LEU E 38 -20.53 -2.49 7.10
CA LEU E 38 -20.75 -1.62 5.92
C LEU E 38 -21.83 -0.57 6.21
N GLY E 39 -21.85 0.48 5.41
CA GLY E 39 -22.92 1.49 5.38
C GLY E 39 -22.44 2.75 6.04
N THR E 40 -23.37 3.56 6.53
CA THR E 40 -23.14 4.92 7.06
C THR E 40 -22.98 4.88 8.59
N TRP E 41 -21.96 5.60 9.08
CA TRP E 41 -21.71 5.83 10.53
C TRP E 41 -21.62 7.34 10.79
N TYR E 42 -22.25 7.83 11.86
CA TYR E 42 -22.14 9.23 12.34
C TYR E 42 -20.97 9.32 13.34
N GLU E 43 -20.09 10.32 13.18
CA GLU E 43 -18.98 10.60 14.13
C GLU E 43 -19.62 11.35 15.30
N ILE E 44 -19.75 10.72 16.46
CA ILE E 44 -20.36 11.37 17.67
C ILE E 44 -19.26 12.17 18.39
N ALA E 45 -18.07 11.61 18.50
CA ALA E 45 -16.96 12.26 19.21
C ALA E 45 -15.64 11.92 18.57
N ARG E 46 -14.64 12.83 18.68
CA ARG E 46 -13.27 12.57 18.21
C ARG E 46 -12.24 13.29 19.12
N PHE E 47 -11.03 12.78 19.26
CA PHE E 47 -9.87 13.64 19.65
C PHE E 47 -9.49 14.51 18.45
N ASP E 48 -9.07 15.75 18.63
CA ASP E 48 -8.99 16.71 17.50
C ASP E 48 -7.62 16.57 16.85
N HIS E 49 -7.62 16.55 15.52
CA HIS E 49 -6.40 16.57 14.70
C HIS E 49 -6.67 17.50 13.53
N ARG E 50 -5.60 18.03 12.92
CA ARG E 50 -5.72 19.07 11.89
C ARG E 50 -6.65 18.59 10.77
N PHE E 51 -6.63 17.32 10.40
CA PHE E 51 -7.41 16.82 9.23
C PHE E 51 -8.93 16.96 9.45
N GLU E 52 -9.43 17.09 10.68
CA GLU E 52 -10.89 17.26 10.93
C GLU E 52 -11.23 18.54 11.72
N ARG E 53 -10.22 19.33 12.14
CA ARG E 53 -10.48 20.45 13.08
C ARG E 53 -11.60 21.31 12.49
N GLY E 54 -12.65 21.55 13.27
CA GLY E 54 -13.74 22.49 12.94
C GLY E 54 -14.93 21.86 12.20
N LEU E 55 -14.79 20.64 11.67
CA LEU E 55 -15.86 19.99 10.85
C LEU E 55 -17.09 19.58 11.70
N GLU E 56 -18.28 19.82 11.15
CA GLU E 56 -19.62 19.50 11.73
C GLU E 56 -20.27 18.40 10.87
N LYS E 57 -21.26 17.67 11.40
CA LYS E 57 -22.11 16.71 10.63
C LYS E 57 -21.24 15.69 9.88
N VAL E 58 -20.19 15.18 10.54
CA VAL E 58 -19.21 14.21 9.96
C VAL E 58 -19.86 12.82 9.90
N THR E 59 -19.67 12.14 8.74
CA THR E 59 -20.05 10.73 8.48
C THR E 59 -18.87 9.98 7.86
N ALA E 60 -18.77 8.69 8.17
CA ALA E 60 -17.91 7.70 7.47
C ALA E 60 -18.82 6.69 6.77
N THR E 61 -18.59 6.46 5.48
CA THR E 61 -19.37 5.45 4.69
C THR E 61 -18.41 4.39 4.17
N TYR E 62 -18.67 3.14 4.54
CA TYR E 62 -17.87 1.98 4.13
C TYR E 62 -18.65 1.15 3.12
N SER E 63 -17.99 0.73 2.02
CA SER E 63 -18.57 -0.21 1.01
C SER E 63 -17.55 -1.28 0.66
N LEU E 64 -18.04 -2.44 0.22
CA LEU E 64 -17.24 -3.65 0.03
C LEU E 64 -16.59 -3.65 -1.35
N ARG E 65 -15.29 -3.91 -1.42
CA ARG E 65 -14.55 -3.98 -2.70
C ARG E 65 -14.58 -5.43 -3.18
N ASP E 66 -14.45 -5.63 -4.48
CA ASP E 66 -14.27 -6.98 -5.08
C ASP E 66 -13.04 -7.67 -4.45
N ASP E 67 -11.97 -6.93 -4.13
CA ASP E 67 -10.70 -7.52 -3.64
C ASP E 67 -10.74 -7.81 -2.13
N GLY E 68 -11.86 -7.62 -1.43
CA GLY E 68 -12.01 -7.95 -0.01
C GLY E 68 -11.60 -6.82 0.94
N GLY E 69 -11.21 -5.64 0.45
CA GLY E 69 -11.05 -4.47 1.31
C GLY E 69 -12.32 -3.62 1.37
N LEU E 70 -12.23 -2.48 2.03
CA LEU E 70 -13.35 -1.53 2.15
C LEU E 70 -12.96 -0.27 1.37
N ASN E 71 -13.90 0.26 0.57
CA ASN E 71 -13.89 1.69 0.18
C ASN E 71 -14.33 2.55 1.37
N VAL E 72 -13.60 3.64 1.61
CA VAL E 72 -13.87 4.61 2.71
C VAL E 72 -14.17 5.98 2.09
N ILE E 73 -15.29 6.61 2.43
CA ILE E 73 -15.53 8.06 2.20
C ILE E 73 -15.90 8.73 3.51
N ASN E 74 -15.11 9.72 3.90
CA ASN E 74 -15.39 10.60 5.08
C ASN E 74 -15.83 11.97 4.57
N LYS E 75 -16.90 12.51 5.13
CA LYS E 75 -17.51 13.78 4.68
C LYS E 75 -17.78 14.63 5.92
N GLY E 76 -17.59 15.95 5.83
CA GLY E 76 -17.99 16.86 6.91
C GLY E 76 -18.21 18.27 6.42
N TYR E 77 -18.89 19.12 7.20
CA TYR E 77 -19.21 20.53 6.85
C TYR E 77 -18.23 21.47 7.55
N ASN E 78 -17.52 22.27 6.75
CA ASN E 78 -16.57 23.30 7.21
C ASN E 78 -17.31 24.63 7.31
N PRO E 79 -17.62 25.13 8.53
CA PRO E 79 -18.36 26.38 8.67
C PRO E 79 -17.53 27.66 8.45
N ASP E 80 -16.21 27.61 8.59
CA ASP E 80 -15.31 28.76 8.26
C ASP E 80 -15.40 29.09 6.77
N ARG E 81 -15.40 28.06 5.91
CA ARG E 81 -15.34 28.17 4.43
C ARG E 81 -16.73 27.95 3.82
N GLY E 82 -17.75 27.73 4.66
CA GLY E 82 -19.14 27.46 4.25
C GLY E 82 -19.24 26.45 3.11
N MET E 83 -18.55 25.32 3.21
CA MET E 83 -18.65 24.23 2.21
C MET E 83 -18.37 22.87 2.85
N TRP E 84 -18.85 21.82 2.18
CA TRP E 84 -18.65 20.39 2.50
C TRP E 84 -17.29 19.96 1.99
N GLN E 85 -16.63 19.05 2.70
CA GLN E 85 -15.29 18.52 2.40
C GLN E 85 -15.32 16.99 2.53
N GLN E 86 -14.52 16.29 1.73
CA GLN E 86 -14.50 14.81 1.67
C GLN E 86 -13.06 14.34 1.67
N SER E 87 -12.85 13.09 2.02
CA SER E 87 -11.58 12.34 1.83
C SER E 87 -11.95 10.89 1.53
N GLU E 88 -11.28 10.27 0.57
CA GLU E 88 -11.55 8.88 0.13
C GLU E 88 -10.29 8.07 0.35
N GLY E 89 -10.48 6.83 0.78
CA GLY E 89 -9.39 5.89 1.08
C GLY E 89 -9.83 4.48 0.83
N LYS E 90 -8.94 3.54 1.13
CA LYS E 90 -9.21 2.09 1.15
C LYS E 90 -8.80 1.57 2.51
N ALA E 91 -9.51 0.58 3.05
CA ALA E 91 -9.14 -0.10 4.32
C ALA E 91 -8.99 -1.60 4.05
N TYR E 92 -7.91 -2.20 4.54
CA TYR E 92 -7.63 -3.64 4.49
C TYR E 92 -7.32 -4.19 5.90
N PHE E 93 -7.75 -5.42 6.16
CA PHE E 93 -7.33 -6.19 7.35
C PHE E 93 -5.81 -6.36 7.34
N THR E 94 -5.17 -6.28 8.51
CA THR E 94 -3.70 -6.56 8.67
C THR E 94 -3.47 -8.06 8.94
N GLY E 95 -4.54 -8.85 9.11
CA GLY E 95 -4.44 -10.31 9.35
C GLY E 95 -5.79 -10.96 9.16
N ALA E 96 -6.17 -11.85 10.09
CA ALA E 96 -7.43 -12.63 10.06
C ALA E 96 -8.62 -11.69 9.92
N PRO E 97 -9.55 -11.90 8.95
CA PRO E 97 -10.67 -10.97 8.77
C PRO E 97 -11.70 -10.99 9.92
N THR E 98 -11.57 -11.93 10.89
CA THR E 98 -12.43 -12.00 12.11
C THR E 98 -11.86 -11.12 13.24
N ARG E 99 -10.72 -10.46 13.02
CA ARG E 99 -10.17 -9.54 14.05
C ARG E 99 -10.15 -8.12 13.48
N ALA E 100 -10.75 -7.15 14.18
CA ALA E 100 -11.07 -5.79 13.66
C ALA E 100 -9.83 -4.87 13.76
N ALA E 101 -8.72 -5.35 13.22
CA ALA E 101 -7.46 -4.60 13.03
C ALA E 101 -7.24 -4.40 11.52
N LEU E 102 -7.24 -3.14 11.11
CA LEU E 102 -7.17 -2.73 9.70
C LEU E 102 -6.13 -1.64 9.55
N LYS E 103 -5.86 -1.25 8.31
CA LYS E 103 -5.04 -0.04 7.98
C LYS E 103 -5.75 0.71 6.85
N VAL E 104 -5.95 2.03 6.99
CA VAL E 104 -6.58 2.86 5.92
C VAL E 104 -5.43 3.46 5.11
N SER E 105 -5.53 3.45 3.79
CA SER E 105 -4.52 4.07 2.89
C SER E 105 -5.20 4.93 1.82
N PHE E 106 -4.45 5.85 1.23
CA PHE E 106 -4.86 6.66 0.06
C PHE E 106 -4.65 5.87 -1.24
N PHE E 107 -3.65 4.99 -1.29
CA PHE E 107 -3.27 4.17 -2.47
C PHE E 107 -3.43 2.69 -2.11
N PHE F 4 2.04 2.79 13.37
CA PHE F 4 2.10 2.94 11.87
C PHE F 4 0.93 3.81 11.38
N TYR F 5 1.22 4.75 10.47
CA TYR F 5 0.20 5.62 9.83
C TYR F 5 -0.92 4.69 9.31
N GLY F 6 -2.17 5.10 9.44
CA GLY F 6 -3.33 4.38 8.89
C GLY F 6 -3.96 3.37 9.85
N GLY F 7 -3.38 3.09 11.00
CA GLY F 7 -3.96 2.06 11.89
C GLY F 7 -5.40 2.39 12.25
N TYR F 8 -6.29 1.41 12.14
CA TYR F 8 -7.76 1.50 12.40
C TYR F 8 -8.19 0.21 13.14
N ASN F 9 -8.64 0.35 14.37
CA ASN F 9 -8.87 -0.76 15.34
C ASN F 9 -10.26 -0.62 15.97
N VAL F 10 -11.16 -1.58 15.77
CA VAL F 10 -12.48 -1.51 16.46
C VAL F 10 -12.29 -2.16 17.83
N ILE F 11 -12.39 -1.36 18.91
CA ILE F 11 -12.07 -1.87 20.28
C ILE F 11 -13.35 -2.10 21.10
N ALA F 12 -14.52 -1.63 20.65
CA ALA F 12 -15.85 -2.00 21.22
C ALA F 12 -16.90 -1.93 20.12
N LEU F 13 -17.86 -2.85 20.19
CA LEU F 13 -18.92 -2.98 19.18
C LEU F 13 -20.10 -3.71 19.83
N ASP F 14 -21.34 -3.30 19.63
CA ASP F 14 -22.50 -4.13 20.08
C ASP F 14 -22.82 -5.17 18.99
N ARG F 15 -23.67 -6.15 19.34
CA ARG F 15 -24.01 -7.34 18.51
C ARG F 15 -24.69 -6.91 17.20
N GLU F 16 -25.50 -5.86 17.21
CA GLU F 16 -26.22 -5.38 16.00
C GLU F 16 -25.46 -4.28 15.25
N TYR F 17 -24.22 -4.00 15.61
CA TYR F 17 -23.32 -3.07 14.84
C TYR F 17 -24.01 -1.71 14.76
N ARG F 18 -24.55 -1.22 15.88
CA ARG F 18 -25.19 0.09 15.98
C ARG F 18 -24.23 1.16 16.51
N HIS F 19 -23.27 0.75 17.33
CA HIS F 19 -22.30 1.65 18.04
C HIS F 19 -20.92 1.02 18.00
N ALA F 20 -19.88 1.85 17.77
CA ALA F 20 -18.48 1.38 17.70
C ALA F 20 -17.53 2.41 18.34
N LEU F 21 -16.51 1.88 18.97
CA LEU F 21 -15.40 2.70 19.50
C LEU F 21 -14.16 2.26 18.73
N VAL F 22 -13.54 3.24 18.06
CA VAL F 22 -12.47 3.05 17.06
C VAL F 22 -11.24 3.86 17.55
N CYS F 23 -10.11 3.20 17.62
CA CYS F 23 -8.84 3.90 17.91
C CYS F 23 -7.89 3.80 16.70
N GLY F 24 -6.93 4.71 16.63
CA GLY F 24 -5.94 4.69 15.54
C GLY F 24 -4.67 3.96 15.95
N PRO F 25 -3.50 4.41 15.46
CA PRO F 25 -2.23 3.75 15.76
C PRO F 25 -1.68 3.98 17.18
N ASP F 26 -2.27 4.88 17.99
CA ASP F 26 -1.93 5.08 19.42
C ASP F 26 -3.06 5.84 20.14
N ARG F 27 -2.86 6.29 21.39
CA ARG F 27 -3.95 6.80 22.26
C ARG F 27 -4.22 8.29 22.01
N ASP F 28 -3.53 8.92 21.06
CA ASP F 28 -3.85 10.27 20.55
C ASP F 28 -5.07 10.19 19.60
N TYR F 29 -5.52 9.01 19.20
CA TYR F 29 -6.57 8.82 18.17
C TYR F 29 -7.73 7.96 18.69
N LEU F 30 -8.94 8.55 18.81
CA LEU F 30 -10.16 7.84 19.27
C LEU F 30 -11.41 8.50 18.71
N TRP F 31 -12.38 7.67 18.37
CA TRP F 31 -13.69 8.07 17.81
C TRP F 31 -14.82 7.25 18.42
N ILE F 32 -15.96 7.89 18.57
CA ILE F 32 -17.23 7.18 18.86
C ILE F 32 -18.07 7.28 17.59
N LEU F 33 -18.50 6.15 17.04
CA LEU F 33 -19.32 6.09 15.80
C LEU F 33 -20.71 5.58 16.17
N SER F 34 -21.78 6.12 15.56
CA SER F 34 -23.16 5.63 15.76
C SER F 34 -23.88 5.51 14.41
N ARG F 35 -24.81 4.56 14.24
CA ARG F 35 -25.71 4.49 13.04
C ARG F 35 -26.73 5.64 13.02
N THR F 36 -26.86 6.36 14.14
CA THR F 36 -27.81 7.48 14.34
C THR F 36 -27.00 8.73 14.68
N PRO F 37 -27.49 9.94 14.32
CA PRO F 37 -26.74 11.17 14.57
C PRO F 37 -26.60 11.53 16.06
N THR F 38 -27.41 10.94 16.95
CA THR F 38 -27.21 11.05 18.43
C THR F 38 -27.31 9.67 19.08
N ILE F 39 -26.65 9.49 20.20
CA ILE F 39 -26.72 8.26 20.99
C ILE F 39 -27.40 8.60 22.30
N SER F 40 -27.97 7.61 22.98
CA SER F 40 -28.50 7.77 24.37
C SER F 40 -27.34 8.01 25.33
N ASP F 41 -27.61 8.65 26.45
CA ASP F 41 -26.60 8.85 27.53
C ASP F 41 -26.13 7.49 28.07
N GLU F 42 -26.96 6.45 27.99
CA GLU F 42 -26.59 5.11 28.54
C GLU F 42 -25.47 4.49 27.70
N VAL F 43 -25.65 4.46 26.37
CA VAL F 43 -24.62 3.99 25.41
C VAL F 43 -23.34 4.81 25.60
N LYS F 44 -23.46 6.13 25.69
CA LYS F 44 -22.30 7.06 25.86
C LYS F 44 -21.48 6.70 27.12
N GLN F 45 -22.15 6.52 28.27
CA GLN F 45 -21.58 5.98 29.55
C GLN F 45 -20.76 4.69 29.29
N GLU F 46 -21.30 3.71 28.56
CA GLU F 46 -20.61 2.41 28.40
C GLU F 46 -19.36 2.63 27.55
N MET F 47 -19.44 3.50 26.54
CA MET F 47 -18.30 3.68 25.60
C MET F 47 -17.18 4.47 26.29
N LEU F 48 -17.52 5.48 27.11
CA LEU F 48 -16.52 6.30 27.85
C LEU F 48 -15.85 5.43 28.91
N ALA F 49 -16.58 4.47 29.46
CA ALA F 49 -16.09 3.49 30.47
C ALA F 49 -15.05 2.57 29.83
N VAL F 50 -15.34 2.01 28.65
CA VAL F 50 -14.36 1.11 27.94
C VAL F 50 -13.11 1.92 27.61
N ALA F 51 -13.26 3.14 27.09
CA ALA F 51 -12.12 3.97 26.63
C ALA F 51 -11.20 4.24 27.85
N THR F 52 -11.78 4.69 28.97
CA THR F 52 -11.03 4.95 30.24
C THR F 52 -10.27 3.68 30.70
N ARG F 53 -10.93 2.53 30.81
CA ARG F 53 -10.28 1.27 31.24
C ARG F 53 -9.08 1.00 30.34
N GLU F 54 -9.16 1.22 29.02
CA GLU F 54 -8.05 0.88 28.11
C GLU F 54 -6.99 2.01 28.05
N GLY F 55 -7.12 3.07 28.85
CA GLY F 55 -6.04 4.06 29.10
C GLY F 55 -6.14 5.30 28.25
N PHE F 56 -7.30 5.58 27.65
CA PHE F 56 -7.56 6.83 26.89
C PHE F 56 -8.07 7.90 27.86
N ASP F 57 -7.74 9.17 27.62
CA ASP F 57 -8.23 10.35 28.38
C ASP F 57 -9.48 10.92 27.70
N VAL F 58 -10.67 10.54 28.20
CA VAL F 58 -11.94 10.93 27.53
C VAL F 58 -12.25 12.41 27.76
N SER F 59 -11.51 13.14 28.61
CA SER F 59 -11.73 14.60 28.76
C SER F 59 -11.29 15.32 27.47
N LYS F 60 -10.51 14.67 26.61
CA LYS F 60 -10.00 15.21 25.30
C LYS F 60 -11.08 15.24 24.20
N PHE F 61 -12.26 14.60 24.39
CA PHE F 61 -13.26 14.45 23.30
C PHE F 61 -13.75 15.83 22.85
N ILE F 62 -13.89 16.03 21.54
CA ILE F 62 -14.78 17.04 20.91
C ILE F 62 -16.11 16.32 20.62
N TRP F 63 -17.24 16.91 21.01
CA TRP F 63 -18.62 16.40 20.80
C TRP F 63 -19.16 17.07 19.54
N VAL F 64 -19.20 16.32 18.45
CA VAL F 64 -19.38 16.86 17.07
C VAL F 64 -20.80 17.40 16.90
N GLN F 65 -20.95 18.53 16.22
CA GLN F 65 -22.29 19.05 15.85
C GLN F 65 -22.96 18.02 14.92
N GLN F 66 -24.09 17.46 15.32
CA GLN F 66 -24.94 16.56 14.50
C GLN F 66 -26.39 16.99 14.69
N PRO F 67 -27.31 16.75 13.73
CA PRO F 67 -28.73 17.02 13.93
C PRO F 67 -29.29 16.31 15.18
N GLY F 68 -29.92 17.07 16.10
CA GLY F 68 -30.39 16.59 17.41
C GLY F 68 -29.37 16.81 18.52
N SER F 69 -28.41 17.72 18.32
CA SER F 69 -27.40 18.20 19.31
C SER F 69 -26.27 18.92 18.56
#